data_3H2K
#
_entry.id   3H2K
#
_cell.length_a   98.340
_cell.length_b   64.920
_cell.length_c   65.960
_cell.angle_alpha   90.00
_cell.angle_beta   92.98
_cell.angle_gamma   90.00
#
_symmetry.space_group_name_H-M   'C 1 2 1'
#
loop_
_entity.id
_entity.type
_entity.pdbx_description
1 polymer esterase
2 non-polymer 'octyl beta-D-glucopyranoside'
3 water water
#
_entity_poly.entity_id   1
_entity_poly.type   'polypeptide(L)'
_entity_poly.pdbx_seq_one_letter_code
;APARGTLLTSNFLTSYTRDAISAMLASGSQPASGSQPEQAKCNVRVAEFTYATIGVEGEPATASGVLLIPGGERCSGPYP
LLGWGHPTEALRAQEQAKEIRDAKGDDPLVTRLASQGYVVVGSDYLGLGKSNYAYHPYLHSASEASATIDAMRAARSVLQ
HLKTPLSGKVMLSGYSQGGHTAMATQREIEAHLSKEFHLVASAPISGPYALEQTFLDSWSGSNAVGENTFGILLGSYAIV
AMQHTYKNIYLEPGQVFQDPWAAKVEPLFPGKQSLTDMFLNDTLPSIDKVKSYFQPGFYSDFPSNPANPFRQDLARNNLL
EWAPQTPTLLCGSSNDATVPLKNAQTAIASFQQRGSNQVALVDTGTGNASDNSAFAHMLTKESCIVVVRDQLLDKQR
;
_entity_poly.pdbx_strand_id   A
#
loop_
_chem_comp.id
_chem_comp.type
_chem_comp.name
_chem_comp.formula
BOG D-saccharide 'octyl beta-D-glucopyranoside' 'C14 H28 O6'
#
# COMPACT_ATOMS: atom_id res chain seq x y z
N PRO A 2 8.79 24.55 -4.77
CA PRO A 2 7.87 24.13 -5.86
C PRO A 2 6.54 23.69 -5.27
N ALA A 3 5.45 23.97 -5.98
CA ALA A 3 4.12 23.59 -5.52
C ALA A 3 3.99 22.07 -5.46
N ARG A 4 3.17 21.59 -4.51
CA ARG A 4 2.93 20.16 -4.37
C ARG A 4 2.45 19.58 -5.69
N GLY A 5 3.05 18.48 -6.11
CA GLY A 5 2.63 17.86 -7.35
C GLY A 5 3.41 18.28 -8.57
N THR A 6 4.31 19.25 -8.41
CA THR A 6 5.12 19.71 -9.55
C THR A 6 5.98 18.57 -10.10
N LEU A 7 5.88 18.35 -11.40
CA LEU A 7 6.65 17.30 -12.07
C LEU A 7 8.11 17.76 -12.18
N LEU A 8 9.04 16.97 -11.67
CA LEU A 8 10.45 17.33 -11.73
C LEU A 8 11.16 16.68 -12.91
N THR A 9 11.06 15.36 -13.00
CA THR A 9 11.65 14.61 -14.12
C THR A 9 10.63 13.59 -14.58
N SER A 10 10.87 13.01 -15.75
CA SER A 10 9.98 12.00 -16.31
C SER A 10 10.56 11.44 -17.58
N ASN A 11 10.16 10.21 -17.90
CA ASN A 11 10.63 9.54 -19.12
C ASN A 11 10.07 8.13 -19.24
N PHE A 12 9.99 7.65 -20.47
CA PHE A 12 9.48 6.31 -20.74
C PHE A 12 10.59 5.28 -20.53
N LEU A 13 10.21 4.11 -20.02
CA LEU A 13 11.16 3.02 -19.81
C LEU A 13 11.01 2.01 -20.94
N THR A 14 9.77 1.65 -21.23
CA THR A 14 9.50 0.67 -22.26
C THR A 14 8.02 0.66 -22.59
N SER A 15 7.60 -0.35 -23.35
CA SER A 15 6.21 -0.49 -23.76
C SER A 15 5.93 -1.95 -24.11
N TYR A 16 4.70 -2.38 -23.87
CA TYR A 16 4.32 -3.75 -24.19
C TYR A 16 3.08 -3.76 -25.06
N THR A 17 3.09 -4.58 -26.10
CA THR A 17 1.96 -4.70 -27.01
C THR A 17 0.90 -5.54 -26.32
N ARG A 18 -0.36 -5.37 -26.71
CA ARG A 18 -1.42 -6.15 -26.10
C ARG A 18 -1.18 -7.64 -26.30
N ASP A 19 -0.67 -8.02 -27.47
CA ASP A 19 -0.40 -9.42 -27.76
C ASP A 19 0.65 -9.96 -26.79
N ALA A 20 1.70 -9.17 -26.55
CA ALA A 20 2.75 -9.59 -25.63
C ALA A 20 2.20 -9.75 -24.21
N ILE A 21 1.25 -8.89 -23.84
CA ILE A 21 0.65 -8.97 -22.51
C ILE A 21 -0.24 -10.21 -22.43
N SER A 22 -1.01 -10.46 -23.48
CA SER A 22 -1.88 -11.63 -23.49
C SER A 22 -1.03 -12.90 -23.37
N ALA A 23 0.16 -12.88 -23.96
CA ALA A 23 1.06 -14.02 -23.91
C ALA A 23 1.49 -14.28 -22.46
N MET A 24 1.77 -13.20 -21.73
CA MET A 24 2.16 -13.32 -20.32
C MET A 24 1.04 -13.99 -19.54
N LEU A 25 -0.19 -13.53 -19.80
CA LEU A 25 -1.37 -14.05 -19.12
C LEU A 25 -1.54 -15.54 -19.41
N ALA A 26 -1.39 -15.93 -20.67
CA ALA A 26 -1.53 -17.34 -21.03
C ALA A 26 -0.45 -18.12 -20.29
N SER A 27 0.76 -17.56 -20.27
CA SER A 27 1.89 -18.19 -19.60
C SER A 27 1.65 -18.32 -18.10
N GLY A 28 1.15 -17.25 -17.48
CA GLY A 28 0.89 -17.29 -16.06
C GLY A 28 -0.38 -18.04 -15.72
N PRO A 37 -8.09 -18.01 -20.05
CA PRO A 37 -7.05 -16.99 -19.89
C PRO A 37 -7.52 -15.67 -20.50
N GLU A 38 -7.65 -14.65 -19.66
CA GLU A 38 -8.11 -13.36 -20.16
C GLU A 38 -7.09 -12.79 -21.12
N GLN A 39 -7.58 -11.98 -22.06
CA GLN A 39 -6.73 -11.35 -23.06
C GLN A 39 -6.63 -9.85 -22.82
N ALA A 40 -5.44 -9.31 -23.04
CA ALA A 40 -5.23 -7.88 -22.87
C ALA A 40 -5.99 -7.17 -23.98
N LYS A 41 -6.40 -5.94 -23.72
CA LYS A 41 -7.13 -5.18 -24.73
C LYS A 41 -6.27 -3.97 -25.12
N CYS A 42 -5.30 -3.64 -24.27
CA CYS A 42 -4.46 -2.47 -24.48
C CYS A 42 -2.96 -2.72 -24.47
N ASN A 43 -2.23 -1.84 -25.16
CA ASN A 43 -0.77 -1.90 -25.14
C ASN A 43 -0.52 -1.14 -23.83
N VAL A 44 0.66 -1.31 -23.24
CA VAL A 44 0.95 -0.60 -22.00
C VAL A 44 2.28 0.11 -22.07
N ARG A 45 2.27 1.42 -21.90
CA ARG A 45 3.49 2.20 -21.94
C ARG A 45 3.94 2.37 -20.49
N VAL A 46 5.20 2.07 -20.20
CA VAL A 46 5.71 2.20 -18.84
C VAL A 46 6.57 3.45 -18.68
N ALA A 47 6.13 4.36 -17.82
CA ALA A 47 6.88 5.59 -17.58
C ALA A 47 7.20 5.74 -16.09
N GLU A 48 8.22 6.53 -15.80
CA GLU A 48 8.64 6.80 -14.43
C GLU A 48 8.74 8.31 -14.30
N PHE A 49 8.72 8.81 -13.08
CA PHE A 49 8.83 10.24 -12.87
C PHE A 49 9.13 10.57 -11.41
N THR A 50 9.53 11.82 -11.17
CA THR A 50 9.80 12.29 -9.83
C THR A 50 9.05 13.61 -9.74
N TYR A 51 8.59 13.93 -8.53
CA TYR A 51 7.80 15.15 -8.33
C TYR A 51 8.03 15.75 -6.96
N ALA A 52 7.53 16.97 -6.80
CA ALA A 52 7.64 17.67 -5.52
C ALA A 52 6.43 17.30 -4.67
N THR A 53 6.67 17.13 -3.38
CA THR A 53 5.60 16.80 -2.45
C THR A 53 6.00 17.29 -1.06
N ILE A 54 5.34 16.80 -0.01
CA ILE A 54 5.68 17.25 1.34
C ILE A 54 6.05 16.12 2.29
N GLY A 55 6.80 16.48 3.33
CA GLY A 55 7.20 15.53 4.35
C GLY A 55 6.12 15.42 5.40
N VAL A 56 6.39 14.70 6.49
CA VAL A 56 5.40 14.51 7.54
C VAL A 56 5.07 15.78 8.32
N GLU A 57 5.94 16.79 8.21
CA GLU A 57 5.71 18.05 8.90
C GLU A 57 5.26 19.13 7.92
N GLY A 58 4.97 18.74 6.68
CA GLY A 58 4.54 19.71 5.68
C GLY A 58 5.69 20.40 4.95
N GLU A 59 6.92 20.01 5.26
CA GLU A 59 8.10 20.60 4.62
C GLU A 59 8.29 20.03 3.22
N PRO A 60 9.02 20.74 2.35
CA PRO A 60 9.26 20.25 0.99
C PRO A 60 10.02 18.93 0.92
N ALA A 61 9.64 18.09 -0.04
CA ALA A 61 10.28 16.81 -0.23
C ALA A 61 10.04 16.33 -1.65
N THR A 62 10.78 15.32 -2.07
CA THR A 62 10.63 14.77 -3.41
C THR A 62 10.26 13.30 -3.30
N ALA A 63 9.72 12.76 -4.39
CA ALA A 63 9.33 11.36 -4.44
C ALA A 63 9.31 10.92 -5.90
N SER A 64 9.38 9.62 -6.10
CA SER A 64 9.37 9.06 -7.44
C SER A 64 8.08 8.25 -7.59
N GLY A 65 7.72 7.93 -8.83
CA GLY A 65 6.52 7.16 -9.09
C GLY A 65 6.51 6.46 -10.43
N VAL A 66 5.51 5.61 -10.62
CA VAL A 66 5.34 4.87 -11.86
C VAL A 66 4.02 5.29 -12.49
N LEU A 67 4.00 5.29 -13.82
CA LEU A 67 2.83 5.67 -14.59
C LEU A 67 2.65 4.69 -15.74
N LEU A 68 1.53 3.97 -15.74
CA LEU A 68 1.24 3.01 -16.79
C LEU A 68 0.18 3.65 -17.68
N ILE A 69 0.47 3.72 -18.98
CA ILE A 69 -0.45 4.33 -19.93
C ILE A 69 -0.92 3.34 -20.98
N PRO A 70 -2.23 3.05 -20.99
CA PRO A 70 -2.77 2.10 -21.98
C PRO A 70 -2.98 2.79 -23.32
N GLY A 71 -2.96 2.01 -24.40
CA GLY A 71 -3.15 2.55 -25.73
C GLY A 71 -3.45 1.43 -26.72
N GLY A 72 -3.67 1.79 -27.98
CA GLY A 72 -3.96 0.76 -28.98
C GLY A 72 -5.27 0.96 -29.70
N GLU A 73 -5.33 0.44 -30.93
CA GLU A 73 -6.53 0.55 -31.76
C GLU A 73 -7.80 0.11 -31.06
N ARG A 74 -7.74 -1.02 -30.35
CA ARG A 74 -8.92 -1.52 -29.66
C ARG A 74 -8.93 -1.06 -28.20
N CYS A 75 -8.30 0.09 -27.95
CA CYS A 75 -8.21 0.63 -26.60
C CYS A 75 -8.20 2.15 -26.59
N SER A 76 -9.10 2.76 -27.35
CA SER A 76 -9.18 4.21 -27.39
C SER A 76 -9.69 4.67 -26.03
N GLY A 77 -9.32 5.88 -25.64
CA GLY A 77 -9.77 6.41 -24.37
C GLY A 77 -11.20 6.92 -24.47
N PRO A 78 -11.63 7.81 -23.57
CA PRO A 78 -10.85 8.35 -22.45
C PRO A 78 -10.63 7.28 -21.37
N TYR A 79 -9.58 7.44 -20.57
CA TYR A 79 -9.26 6.47 -19.54
C TYR A 79 -9.49 6.95 -18.11
N PRO A 80 -9.83 6.01 -17.21
CA PRO A 80 -10.05 6.39 -15.82
C PRO A 80 -8.64 6.43 -15.20
N LEU A 81 -8.45 7.23 -14.15
CA LEU A 81 -7.15 7.32 -13.50
C LEU A 81 -7.19 6.54 -12.18
N LEU A 82 -6.35 5.52 -12.07
CA LEU A 82 -6.32 4.70 -10.86
C LEU A 82 -5.04 4.90 -10.05
N GLY A 83 -5.19 5.40 -8.83
CA GLY A 83 -4.05 5.62 -7.96
C GLY A 83 -3.75 4.29 -7.29
N TRP A 84 -2.48 3.94 -7.20
CA TRP A 84 -2.11 2.66 -6.60
C TRP A 84 -1.12 2.73 -5.45
N GLY A 85 -1.42 2.00 -4.38
CA GLY A 85 -0.53 1.98 -3.23
C GLY A 85 0.20 0.64 -3.19
N HIS A 86 1.52 0.67 -3.31
CA HIS A 86 2.28 -0.57 -3.28
C HIS A 86 2.41 -1.08 -1.85
N PRO A 87 2.82 -2.35 -1.68
CA PRO A 87 2.99 -2.99 -0.37
C PRO A 87 4.27 -2.62 0.36
N THR A 88 4.42 -3.16 1.57
CA THR A 88 5.60 -2.89 2.39
C THR A 88 6.89 -3.11 1.60
N GLU A 89 7.73 -2.08 1.58
CA GLU A 89 9.00 -2.14 0.87
C GLU A 89 10.13 -1.72 1.82
N ALA A 90 11.01 -2.66 2.16
CA ALA A 90 12.13 -2.39 3.05
C ALA A 90 13.42 -2.02 2.31
N LEU A 91 13.46 -2.27 1.00
CA LEU A 91 14.65 -1.92 0.21
C LEU A 91 14.52 -0.45 -0.16
N ARG A 92 15.37 0.39 0.43
CA ARG A 92 15.31 1.83 0.19
C ARG A 92 15.34 2.33 -1.24
N ALA A 93 16.19 1.74 -2.06
CA ALA A 93 16.33 2.19 -3.45
C ALA A 93 15.30 1.64 -4.43
N GLN A 94 14.41 0.79 -3.97
CA GLN A 94 13.41 0.18 -4.86
C GLN A 94 12.48 1.17 -5.55
N GLU A 95 12.45 1.11 -6.89
CA GLU A 95 11.58 1.97 -7.70
C GLU A 95 10.59 1.07 -8.44
N GLN A 96 9.30 1.27 -8.23
CA GLN A 96 8.27 0.44 -8.89
C GLN A 96 8.40 0.34 -10.41
N ALA A 97 8.57 1.47 -11.08
CA ALA A 97 8.67 1.50 -12.53
C ALA A 97 9.78 0.59 -13.06
N LYS A 98 10.97 0.70 -12.47
CA LYS A 98 12.10 -0.11 -12.90
C LYS A 98 11.89 -1.57 -12.56
N GLU A 99 11.16 -1.84 -11.50
CA GLU A 99 10.89 -3.21 -11.09
C GLU A 99 10.03 -3.88 -12.17
N ILE A 100 8.98 -3.19 -12.60
CA ILE A 100 8.08 -3.69 -13.63
C ILE A 100 8.85 -3.92 -14.92
N ARG A 101 9.70 -2.96 -15.24
CA ARG A 101 10.52 -3.04 -16.45
C ARG A 101 11.46 -4.24 -16.35
N ASP A 102 12.05 -4.44 -15.17
CA ASP A 102 12.97 -5.56 -14.98
C ASP A 102 12.20 -6.88 -15.00
N ALA A 103 10.93 -6.83 -14.58
CA ALA A 103 10.09 -8.03 -14.57
C ALA A 103 9.56 -8.29 -15.98
N LYS A 104 10.03 -7.50 -16.94
CA LYS A 104 9.61 -7.65 -18.32
C LYS A 104 8.11 -7.41 -18.49
N GLY A 105 7.58 -6.50 -17.68
CA GLY A 105 6.18 -6.16 -17.74
C GLY A 105 5.22 -7.16 -17.12
N ASP A 106 5.77 -8.24 -16.58
CA ASP A 106 4.92 -9.26 -15.97
C ASP A 106 4.55 -8.89 -14.53
N ASP A 107 3.59 -7.97 -14.40
CA ASP A 107 3.11 -7.50 -13.10
C ASP A 107 1.62 -7.27 -13.25
N PRO A 108 0.83 -7.65 -12.23
CA PRO A 108 -0.63 -7.46 -12.30
C PRO A 108 -1.06 -6.04 -12.69
N LEU A 109 -0.31 -5.03 -12.26
CA LEU A 109 -0.66 -3.64 -12.60
C LEU A 109 -0.71 -3.49 -14.12
N VAL A 110 0.17 -4.21 -14.81
CA VAL A 110 0.25 -4.18 -16.27
C VAL A 110 -0.73 -5.17 -16.88
N THR A 111 -0.58 -6.44 -16.51
CA THR A 111 -1.39 -7.52 -17.05
C THR A 111 -2.88 -7.51 -16.69
N ARG A 112 -3.24 -6.96 -15.53
CA ARG A 112 -4.63 -6.95 -15.11
C ARG A 112 -5.37 -5.63 -15.16
N LEU A 113 -4.65 -4.51 -15.03
CA LEU A 113 -5.29 -3.20 -15.02
C LEU A 113 -4.98 -2.29 -16.21
N ALA A 114 -3.71 -1.92 -16.37
CA ALA A 114 -3.34 -1.04 -17.47
C ALA A 114 -3.71 -1.68 -18.81
N SER A 115 -3.65 -3.01 -18.89
CA SER A 115 -3.97 -3.72 -20.13
C SER A 115 -5.47 -3.73 -20.39
N GLN A 116 -6.24 -3.26 -19.41
CA GLN A 116 -7.69 -3.22 -19.56
C GLN A 116 -8.23 -1.80 -19.70
N GLY A 117 -7.33 -0.84 -19.88
CA GLY A 117 -7.76 0.54 -20.07
C GLY A 117 -7.61 1.48 -18.90
N TYR A 118 -6.97 1.03 -17.82
CA TYR A 118 -6.77 1.88 -16.66
C TYR A 118 -5.39 2.53 -16.65
N VAL A 119 -5.36 3.85 -16.50
CA VAL A 119 -4.10 4.56 -16.39
C VAL A 119 -3.76 4.29 -14.93
N VAL A 120 -2.56 3.80 -14.65
CA VAL A 120 -2.18 3.49 -13.28
C VAL A 120 -1.03 4.37 -12.81
N VAL A 121 -1.23 5.01 -11.67
CA VAL A 121 -0.21 5.87 -11.08
C VAL A 121 0.03 5.45 -9.64
N GLY A 122 1.29 5.21 -9.31
CA GLY A 122 1.63 4.81 -7.96
C GLY A 122 2.88 5.52 -7.50
N SER A 123 2.88 6.00 -6.26
CA SER A 123 4.05 6.68 -5.70
C SER A 123 4.92 5.63 -5.03
N ASP A 124 6.23 5.86 -5.04
CA ASP A 124 7.12 4.91 -4.37
C ASP A 124 7.09 5.19 -2.87
N TYR A 125 6.50 6.33 -2.50
CA TYR A 125 6.37 6.79 -1.12
C TYR A 125 7.61 7.58 -0.66
N LEU A 126 7.42 8.42 0.34
CA LEU A 126 8.53 9.20 0.88
C LEU A 126 9.58 8.23 1.41
N GLY A 127 10.86 8.54 1.19
CA GLY A 127 11.93 7.70 1.68
C GLY A 127 12.30 6.48 0.84
N LEU A 128 11.53 6.22 -0.22
CA LEU A 128 11.82 5.08 -1.08
C LEU A 128 12.06 5.54 -2.52
N GLY A 129 12.64 4.66 -3.34
CA GLY A 129 12.91 5.02 -4.72
C GLY A 129 13.86 6.18 -4.82
N LYS A 130 13.48 7.19 -5.61
CA LYS A 130 14.32 8.37 -5.77
C LYS A 130 13.96 9.50 -4.80
N SER A 131 13.18 9.20 -3.77
CA SER A 131 12.79 10.21 -2.80
C SER A 131 14.00 10.72 -2.01
N ASN A 132 13.97 11.98 -1.62
CA ASN A 132 15.07 12.55 -0.84
C ASN A 132 14.80 12.51 0.67
N TYR A 133 13.72 11.85 1.09
CA TYR A 133 13.40 11.77 2.52
C TYR A 133 14.34 10.81 3.25
N ALA A 134 14.75 11.20 4.46
CA ALA A 134 15.68 10.43 5.28
C ALA A 134 15.17 9.04 5.71
N TYR A 135 13.86 8.84 5.64
CA TYR A 135 13.29 7.56 6.03
C TYR A 135 11.92 7.41 5.40
N HIS A 136 11.32 6.23 5.54
CA HIS A 136 9.97 6.03 5.01
C HIS A 136 8.98 5.99 6.17
N PRO A 137 7.98 6.88 6.15
CA PRO A 137 6.96 6.93 7.22
C PRO A 137 5.98 5.76 7.02
N TYR A 138 6.46 4.56 7.34
CA TYR A 138 5.68 3.34 7.20
C TYR A 138 4.35 3.44 7.92
N LEU A 139 3.27 3.13 7.19
CA LEU A 139 1.91 3.17 7.72
C LEU A 139 1.49 4.53 8.29
N HIS A 140 2.08 5.60 7.78
CA HIS A 140 1.70 6.95 8.22
C HIS A 140 0.65 7.46 7.24
N SER A 141 -0.61 7.46 7.66
CA SER A 141 -1.73 7.88 6.81
C SER A 141 -1.55 9.19 6.03
N ALA A 142 -1.21 10.26 6.72
CA ALA A 142 -1.05 11.56 6.07
C ALA A 142 -0.03 11.62 4.92
N SER A 143 1.15 11.02 5.10
CA SER A 143 2.17 11.07 4.05
C SER A 143 1.96 10.02 2.96
N GLU A 144 1.27 8.93 3.31
CA GLU A 144 0.97 7.91 2.30
C GLU A 144 -0.04 8.59 1.38
N ALA A 145 -0.96 9.34 1.97
CA ALA A 145 -1.98 10.05 1.21
C ALA A 145 -1.37 11.20 0.42
N SER A 146 -0.57 12.04 1.08
CA SER A 146 0.05 13.19 0.42
C SER A 146 0.94 12.77 -0.76
N ALA A 147 1.70 11.69 -0.57
CA ALA A 147 2.59 11.19 -1.60
C ALA A 147 1.81 10.66 -2.81
N THR A 148 0.69 9.99 -2.53
CA THR A 148 -0.15 9.43 -3.58
C THR A 148 -0.88 10.52 -4.36
N ILE A 149 -1.45 11.48 -3.62
CA ILE A 149 -2.17 12.58 -4.21
C ILE A 149 -1.26 13.40 -5.13
N ASP A 150 -0.06 13.71 -4.64
CA ASP A 150 0.90 14.50 -5.43
C ASP A 150 1.48 13.70 -6.59
N ALA A 151 1.49 12.37 -6.47
CA ALA A 151 1.99 11.55 -7.56
C ALA A 151 0.97 11.63 -8.69
N MET A 152 -0.31 11.63 -8.32
CA MET A 152 -1.38 11.73 -9.30
C MET A 152 -1.37 13.10 -9.95
N ARG A 153 -0.98 14.11 -9.18
CA ARG A 153 -0.91 15.47 -9.70
C ARG A 153 0.18 15.55 -10.76
N ALA A 154 1.36 15.02 -10.45
CA ALA A 154 2.47 15.04 -11.39
C ALA A 154 2.16 14.19 -12.63
N ALA A 155 1.52 13.05 -12.42
CA ALA A 155 1.17 12.16 -13.52
C ALA A 155 0.21 12.85 -14.49
N ARG A 156 -0.72 13.63 -13.95
CA ARG A 156 -1.66 14.34 -14.81
C ARG A 156 -0.91 15.34 -15.69
N SER A 157 0.15 15.94 -15.17
CA SER A 157 0.93 16.88 -15.96
C SER A 157 1.56 16.12 -17.13
N VAL A 158 2.08 14.93 -16.85
CA VAL A 158 2.68 14.10 -17.89
C VAL A 158 1.62 13.78 -18.94
N LEU A 159 0.49 13.24 -18.47
CA LEU A 159 -0.61 12.86 -19.34
C LEU A 159 -1.12 14.02 -20.19
N GLN A 160 -1.21 15.20 -19.60
CA GLN A 160 -1.68 16.37 -20.34
C GLN A 160 -0.70 16.71 -21.46
N HIS A 161 0.59 16.56 -21.19
CA HIS A 161 1.61 16.85 -22.18
C HIS A 161 1.58 15.84 -23.33
N LEU A 162 1.24 14.59 -23.01
CA LEU A 162 1.18 13.55 -24.02
C LEU A 162 -0.18 13.53 -24.72
N LYS A 163 -1.10 14.33 -24.19
CA LYS A 163 -2.46 14.42 -24.71
C LYS A 163 -3.22 13.13 -24.48
N THR A 164 -2.87 12.39 -23.44
CA THR A 164 -3.57 11.16 -23.11
C THR A 164 -4.98 11.57 -22.71
N PRO A 165 -6.01 10.97 -23.32
CA PRO A 165 -7.39 11.32 -22.97
C PRO A 165 -7.89 10.67 -21.68
N LEU A 166 -8.22 11.51 -20.70
CA LEU A 166 -8.71 11.03 -19.41
C LEU A 166 -10.20 11.33 -19.30
N SER A 167 -10.95 10.40 -18.73
CA SER A 167 -12.38 10.59 -18.57
C SER A 167 -12.63 11.59 -17.45
N GLY A 168 -11.70 11.66 -16.51
CA GLY A 168 -11.86 12.55 -15.38
C GLY A 168 -12.16 11.74 -14.14
N LYS A 169 -12.63 10.51 -14.34
CA LYS A 169 -12.94 9.63 -13.22
C LYS A 169 -11.65 9.14 -12.58
N VAL A 170 -11.62 9.15 -11.26
CA VAL A 170 -10.46 8.73 -10.50
C VAL A 170 -10.86 7.55 -9.63
N MET A 171 -9.91 6.64 -9.39
CA MET A 171 -10.16 5.47 -8.56
C MET A 171 -8.91 5.15 -7.75
N LEU A 172 -9.09 4.42 -6.65
CA LEU A 172 -7.99 4.07 -5.78
C LEU A 172 -7.97 2.58 -5.45
N SER A 173 -6.77 2.04 -5.26
CA SER A 173 -6.61 0.64 -4.89
C SER A 173 -5.20 0.50 -4.32
N GLY A 174 -4.94 -0.63 -3.69
CA GLY A 174 -3.63 -0.83 -3.09
C GLY A 174 -3.66 -2.14 -2.34
N TYR A 175 -2.49 -2.76 -2.16
CA TYR A 175 -2.41 -4.04 -1.48
C TYR A 175 -1.49 -4.01 -0.26
N SER A 176 -1.94 -4.65 0.83
CA SER A 176 -1.18 -4.74 2.08
C SER A 176 -1.00 -3.33 2.67
N GLN A 177 0.23 -2.85 2.80
CA GLN A 177 0.41 -1.49 3.30
C GLN A 177 -0.33 -0.59 2.30
N GLY A 178 -0.35 -1.03 1.03
CA GLY A 178 -1.01 -0.29 -0.02
C GLY A 178 -2.52 -0.16 0.20
N GLY A 179 -3.09 -1.08 0.97
CA GLY A 179 -4.52 -1.00 1.26
C GLY A 179 -4.74 0.13 2.24
N HIS A 180 -3.79 0.27 3.17
CA HIS A 180 -3.83 1.34 4.16
C HIS A 180 -3.69 2.64 3.38
N THR A 181 -2.72 2.66 2.46
CA THR A 181 -2.48 3.84 1.63
C THR A 181 -3.71 4.22 0.83
N ALA A 182 -4.32 3.25 0.17
CA ALA A 182 -5.51 3.53 -0.64
C ALA A 182 -6.62 4.16 0.20
N MET A 183 -6.91 3.58 1.35
CA MET A 183 -7.98 4.11 2.21
C MET A 183 -7.62 5.47 2.78
N ALA A 184 -6.37 5.66 3.17
CA ALA A 184 -5.93 6.94 3.72
C ALA A 184 -6.09 8.03 2.65
N THR A 185 -5.79 7.68 1.40
CA THR A 185 -5.90 8.64 0.31
C THR A 185 -7.38 8.95 0.06
N GLN A 186 -8.22 7.91 0.09
CA GLN A 186 -9.65 8.06 -0.10
C GLN A 186 -10.21 9.07 0.90
N ARG A 187 -9.88 8.85 2.17
CA ARG A 187 -10.37 9.74 3.22
C ARG A 187 -9.96 11.20 2.99
N GLU A 188 -8.70 11.43 2.62
CA GLU A 188 -8.20 12.79 2.38
C GLU A 188 -8.86 13.48 1.19
N ILE A 189 -9.04 12.73 0.10
CA ILE A 189 -9.65 13.27 -1.11
C ILE A 189 -11.12 13.63 -0.83
N GLU A 190 -11.83 12.71 -0.19
CA GLU A 190 -13.24 12.92 0.12
C GLU A 190 -13.46 14.12 1.04
N ALA A 191 -12.54 14.33 1.97
CA ALA A 191 -12.68 15.44 2.90
C ALA A 191 -12.26 16.79 2.34
N HIS A 192 -11.31 16.81 1.39
CA HIS A 192 -10.81 18.08 0.87
C HIS A 192 -10.55 18.27 -0.64
N LEU A 193 -10.46 17.19 -1.41
CA LEU A 193 -10.13 17.35 -2.82
C LEU A 193 -11.13 16.73 -3.79
N SER A 194 -12.39 16.69 -3.38
CA SER A 194 -13.47 16.11 -4.18
C SER A 194 -13.64 16.76 -5.54
N LYS A 195 -13.32 18.05 -5.65
CA LYS A 195 -13.45 18.77 -6.91
C LYS A 195 -12.30 18.41 -7.85
N GLU A 196 -11.08 18.41 -7.31
CA GLU A 196 -9.90 18.07 -8.10
C GLU A 196 -9.85 16.60 -8.51
N PHE A 197 -10.34 15.72 -7.65
CA PHE A 197 -10.33 14.30 -7.93
C PHE A 197 -11.75 13.71 -7.84
N HIS A 198 -12.35 13.46 -9.01
CA HIS A 198 -13.69 12.89 -9.06
C HIS A 198 -13.57 11.40 -8.75
N LEU A 199 -13.49 11.10 -7.46
CA LEU A 199 -13.34 9.74 -6.99
C LEU A 199 -14.65 8.97 -7.13
N VAL A 200 -14.64 7.93 -7.95
CA VAL A 200 -15.83 7.13 -8.18
C VAL A 200 -15.75 5.69 -7.69
N ALA A 201 -14.56 5.28 -7.23
CA ALA A 201 -14.40 3.92 -6.73
C ALA A 201 -13.11 3.75 -5.94
N SER A 202 -13.21 3.02 -4.84
CA SER A 202 -12.05 2.75 -3.98
C SER A 202 -12.05 1.27 -3.63
N ALA A 203 -10.91 0.60 -3.84
CA ALA A 203 -10.82 -0.82 -3.54
C ALA A 203 -9.57 -1.26 -2.76
N PRO A 204 -9.53 -0.96 -1.46
CA PRO A 204 -8.37 -1.35 -0.65
C PRO A 204 -8.27 -2.87 -0.58
N ILE A 205 -7.06 -3.41 -0.66
CA ILE A 205 -6.85 -4.84 -0.63
C ILE A 205 -5.98 -5.27 0.54
N SER A 206 -6.50 -6.15 1.38
CA SER A 206 -5.76 -6.68 2.53
C SER A 206 -5.01 -5.63 3.34
N GLY A 207 -5.68 -4.53 3.66
CA GLY A 207 -5.02 -3.47 4.41
C GLY A 207 -5.38 -3.46 5.89
N PRO A 208 -4.49 -2.95 6.75
CA PRO A 208 -4.75 -2.89 8.19
C PRO A 208 -5.48 -1.61 8.59
N TYR A 209 -6.71 -1.47 8.12
CA TYR A 209 -7.53 -0.29 8.41
C TYR A 209 -7.66 -0.13 9.92
N ALA A 210 -7.82 -1.26 10.62
CA ALA A 210 -7.91 -1.25 12.07
C ALA A 210 -6.46 -1.53 12.50
N LEU A 211 -5.60 -0.55 12.25
CA LEU A 211 -4.17 -0.64 12.52
C LEU A 211 -3.82 -1.04 13.95
N GLU A 212 -4.25 -0.23 14.92
CA GLU A 212 -3.97 -0.54 16.31
C GLU A 212 -4.50 -1.93 16.68
N GLN A 213 -5.74 -2.21 16.30
CA GLN A 213 -6.35 -3.50 16.60
C GLN A 213 -5.56 -4.65 15.99
N THR A 214 -5.07 -4.45 14.77
CA THR A 214 -4.30 -5.48 14.09
C THR A 214 -3.08 -5.88 14.94
N PHE A 215 -2.32 -4.91 15.43
CA PHE A 215 -1.15 -5.25 16.24
C PHE A 215 -1.51 -5.84 17.60
N LEU A 216 -2.59 -5.33 18.21
CA LEU A 216 -3.02 -5.86 19.50
C LEU A 216 -3.45 -7.31 19.37
N ASP A 217 -4.27 -7.60 18.36
CA ASP A 217 -4.77 -8.95 18.12
C ASP A 217 -3.67 -9.98 17.84
N SER A 218 -2.58 -9.54 17.21
CA SER A 218 -1.50 -10.46 16.88
C SER A 218 -0.24 -10.26 17.73
N TRP A 219 -0.36 -9.52 18.83
CA TRP A 219 0.81 -9.23 19.66
C TRP A 219 1.56 -10.47 20.18
N SER A 220 0.83 -11.51 20.55
CA SER A 220 1.44 -12.72 21.08
C SER A 220 2.18 -13.53 20.02
N GLY A 221 1.88 -13.29 18.75
CA GLY A 221 2.52 -14.02 17.68
C GLY A 221 1.49 -14.67 16.77
N SER A 222 0.28 -14.83 17.29
CA SER A 222 -0.77 -15.43 16.49
C SER A 222 -2.10 -14.74 16.73
N ASN A 223 -3.01 -14.89 15.78
CA ASN A 223 -4.33 -14.29 15.88
C ASN A 223 -5.38 -15.37 15.62
N ALA A 224 -6.65 -15.00 15.61
CA ALA A 224 -7.72 -15.96 15.38
C ALA A 224 -7.57 -16.75 14.08
N VAL A 225 -6.88 -16.15 13.10
CA VAL A 225 -6.67 -16.82 11.81
C VAL A 225 -5.50 -17.80 11.81
N GLY A 226 -4.38 -17.40 12.40
CA GLY A 226 -3.21 -18.26 12.44
C GLY A 226 -2.02 -17.52 13.00
N GLU A 227 -0.81 -17.96 12.64
CA GLU A 227 0.39 -17.30 13.13
C GLU A 227 0.78 -16.12 12.24
N ASN A 228 1.06 -14.98 12.86
CA ASN A 228 1.46 -13.79 12.10
C ASN A 228 2.97 -13.86 11.94
N THR A 229 3.38 -14.82 11.13
CA THR A 229 4.77 -15.14 10.85
C THR A 229 5.75 -14.01 10.53
N PHE A 230 5.32 -13.06 9.70
CA PHE A 230 6.20 -11.95 9.31
C PHE A 230 6.08 -10.74 10.24
N GLY A 231 5.31 -10.89 11.31
CA GLY A 231 5.07 -9.80 12.24
C GLY A 231 6.26 -9.11 12.89
N ILE A 232 7.33 -9.85 13.15
CA ILE A 232 8.50 -9.24 13.76
C ILE A 232 9.12 -8.25 12.78
N LEU A 233 9.15 -8.61 11.50
CA LEU A 233 9.70 -7.72 10.49
C LEU A 233 8.78 -6.51 10.30
N LEU A 234 7.49 -6.78 10.15
CA LEU A 234 6.52 -5.70 9.93
C LEU A 234 6.37 -4.80 11.16
N GLY A 235 6.35 -5.39 12.34
CA GLY A 235 6.22 -4.61 13.56
C GLY A 235 7.46 -3.77 13.83
N SER A 236 8.62 -4.32 13.53
CA SER A 236 9.87 -3.59 13.74
C SER A 236 9.94 -2.39 12.79
N TYR A 237 9.49 -2.59 11.56
CA TYR A 237 9.47 -1.51 10.57
C TYR A 237 8.54 -0.42 11.11
N ALA A 238 7.39 -0.84 11.62
CA ALA A 238 6.40 0.07 12.17
C ALA A 238 6.95 0.87 13.36
N ILE A 239 7.58 0.17 14.29
CA ILE A 239 8.15 0.83 15.47
C ILE A 239 9.20 1.87 15.09
N VAL A 240 10.14 1.48 14.23
CA VAL A 240 11.19 2.40 13.81
C VAL A 240 10.62 3.61 13.05
N ALA A 241 9.72 3.34 12.09
CA ALA A 241 9.13 4.41 11.31
C ALA A 241 8.32 5.38 12.18
N MET A 242 7.55 4.84 13.11
CA MET A 242 6.73 5.66 13.99
C MET A 242 7.63 6.50 14.90
N GLN A 243 8.81 5.99 15.21
CA GLN A 243 9.76 6.72 16.05
C GLN A 243 10.30 7.91 15.25
N HIS A 244 10.68 7.67 13.99
CA HIS A 244 11.19 8.75 13.14
C HIS A 244 10.14 9.84 12.97
N THR A 245 8.88 9.43 12.79
CA THR A 245 7.79 10.39 12.59
C THR A 245 7.34 11.15 13.84
N TYR A 246 7.09 10.42 14.92
CA TYR A 246 6.60 11.05 16.16
C TYR A 246 7.63 11.24 17.25
N LYS A 247 8.78 10.56 17.11
CA LYS A 247 9.88 10.66 18.06
C LYS A 247 9.45 10.56 19.53
N ASN A 248 8.45 9.73 19.80
CA ASN A 248 7.94 9.59 21.15
C ASN A 248 8.09 8.18 21.71
N ILE A 249 8.75 7.27 20.98
CA ILE A 249 8.87 5.91 21.45
C ILE A 249 10.13 5.60 22.27
N TYR A 250 11.28 6.12 21.83
CA TYR A 250 12.51 5.87 22.58
C TYR A 250 13.60 6.90 22.36
N LEU A 251 14.56 6.93 23.28
CA LEU A 251 15.70 7.82 23.21
C LEU A 251 16.70 7.12 22.28
N GLU A 252 16.78 5.79 22.41
CA GLU A 252 17.66 4.97 21.60
C GLU A 252 16.99 3.59 21.51
N PRO A 253 17.18 2.87 20.39
CA PRO A 253 16.60 1.54 20.15
C PRO A 253 16.58 0.53 21.30
N GLY A 254 17.58 0.59 22.18
CA GLY A 254 17.65 -0.35 23.28
C GLY A 254 16.51 -0.36 24.29
N GLN A 255 15.71 0.71 24.31
CA GLN A 255 14.58 0.78 25.24
C GLN A 255 13.44 -0.11 24.80
N VAL A 256 13.45 -0.46 23.51
CA VAL A 256 12.40 -1.30 22.95
C VAL A 256 12.91 -2.68 22.55
N PHE A 257 14.05 -2.71 21.89
CA PHE A 257 14.62 -3.97 21.42
C PHE A 257 15.81 -4.41 22.25
N GLN A 258 15.89 -5.71 22.49
CA GLN A 258 17.01 -6.28 23.25
C GLN A 258 18.19 -6.40 22.29
N ASP A 259 19.39 -6.59 22.84
CA ASP A 259 20.57 -6.75 22.00
C ASP A 259 20.50 -8.17 21.45
N PRO A 260 21.15 -8.43 20.31
CA PRO A 260 21.95 -7.52 19.49
C PRO A 260 21.17 -6.80 18.39
N TRP A 261 19.84 -6.89 18.43
CA TRP A 261 19.02 -6.27 17.41
C TRP A 261 18.83 -4.76 17.55
N ALA A 262 18.83 -4.28 18.79
CA ALA A 262 18.64 -2.86 19.05
C ALA A 262 19.54 -2.02 18.14
N ALA A 263 20.80 -2.42 18.01
CA ALA A 263 21.76 -1.69 17.19
C ALA A 263 21.70 -1.98 15.70
N LYS A 264 20.82 -2.89 15.27
CA LYS A 264 20.74 -3.22 13.85
C LYS A 264 19.40 -2.88 13.21
N VAL A 265 18.36 -2.75 14.04
CA VAL A 265 17.02 -2.49 13.53
C VAL A 265 16.78 -1.23 12.70
N GLU A 266 17.29 -0.08 13.16
CA GLU A 266 17.07 1.17 12.42
C GLU A 266 17.61 1.25 10.99
N PRO A 267 18.81 0.70 10.74
CA PRO A 267 19.37 0.75 9.38
C PRO A 267 18.66 -0.20 8.41
N LEU A 268 17.81 -1.06 8.95
CA LEU A 268 17.07 -2.02 8.14
C LEU A 268 15.76 -1.50 7.55
N PHE A 269 15.20 -0.46 8.16
CA PHE A 269 13.90 0.03 7.72
C PHE A 269 13.76 1.51 7.37
N PRO A 270 13.97 1.88 6.09
CA PRO A 270 14.34 1.03 4.96
C PRO A 270 15.86 0.85 4.88
N GLY A 271 16.33 -0.14 4.11
CA GLY A 271 17.76 -0.34 4.02
C GLY A 271 18.25 -1.03 2.75
N LYS A 272 19.28 -1.85 2.92
CA LYS A 272 19.91 -2.59 1.82
C LYS A 272 19.28 -3.95 1.60
N GLN A 273 18.32 -4.32 2.44
CA GLN A 273 17.68 -5.63 2.31
C GLN A 273 16.17 -5.54 2.07
N SER A 274 15.66 -6.51 1.31
CA SER A 274 14.23 -6.58 1.04
C SER A 274 13.64 -7.38 2.20
N LEU A 275 12.33 -7.32 2.36
CA LEU A 275 11.67 -8.07 3.43
C LEU A 275 11.95 -9.57 3.25
N THR A 276 11.96 -10.02 1.99
CA THR A 276 12.23 -11.42 1.70
C THR A 276 13.63 -11.82 2.12
N ASP A 277 14.63 -10.99 1.80
CA ASP A 277 16.01 -11.29 2.20
C ASP A 277 16.01 -11.52 3.72
N MET A 278 15.45 -10.56 4.45
CA MET A 278 15.38 -10.61 5.91
C MET A 278 14.74 -11.88 6.47
N PHE A 279 13.62 -12.28 5.88
CA PHE A 279 12.94 -13.48 6.36
C PHE A 279 13.77 -14.74 6.09
N LEU A 280 14.25 -14.87 4.86
CA LEU A 280 15.05 -16.03 4.46
C LEU A 280 16.37 -16.20 5.22
N ASN A 281 17.08 -15.11 5.47
CA ASN A 281 18.36 -15.18 6.19
C ASN A 281 18.18 -14.94 7.68
N ASP A 282 16.92 -14.97 8.14
CA ASP A 282 16.59 -14.75 9.54
C ASP A 282 17.34 -13.58 10.19
N THR A 283 17.30 -12.42 9.53
CA THR A 283 17.96 -11.22 10.05
C THR A 283 17.42 -10.89 11.43
N LEU A 284 16.14 -11.17 11.63
CA LEU A 284 15.51 -10.93 12.92
C LEU A 284 14.94 -12.26 13.36
N PRO A 285 14.74 -12.47 14.67
CA PRO A 285 14.20 -13.73 15.15
C PRO A 285 12.77 -13.99 14.68
N SER A 286 12.37 -15.26 14.71
CA SER A 286 11.04 -15.68 14.33
C SER A 286 10.11 -15.40 15.50
N ILE A 287 8.82 -15.26 15.23
CA ILE A 287 7.85 -14.93 16.27
C ILE A 287 7.86 -15.79 17.52
N ASP A 288 8.37 -17.01 17.41
CA ASP A 288 8.42 -17.91 18.56
C ASP A 288 9.41 -17.40 19.60
N LYS A 289 10.29 -16.49 19.19
CA LYS A 289 11.29 -15.93 20.09
C LYS A 289 11.04 -14.44 20.35
N VAL A 290 9.79 -14.02 20.20
CA VAL A 290 9.43 -12.63 20.41
C VAL A 290 9.82 -12.12 21.81
N LYS A 291 9.64 -12.95 22.83
CA LYS A 291 9.99 -12.54 24.19
C LYS A 291 11.49 -12.31 24.36
N SER A 292 12.28 -12.81 23.41
CA SER A 292 13.73 -12.62 23.46
C SER A 292 14.09 -11.42 22.60
N TYR A 293 13.13 -10.97 21.80
CA TYR A 293 13.36 -9.85 20.88
C TYR A 293 13.04 -8.49 21.47
N PHE A 294 11.80 -8.30 21.92
CA PHE A 294 11.37 -7.02 22.51
C PHE A 294 11.72 -6.96 23.99
N GLN A 295 11.98 -5.76 24.50
CA GLN A 295 12.28 -5.61 25.92
C GLN A 295 10.99 -5.95 26.66
N PRO A 296 11.10 -6.67 27.80
CA PRO A 296 9.95 -7.08 28.60
C PRO A 296 8.99 -5.94 28.96
N GLY A 297 9.53 -4.81 29.39
CA GLY A 297 8.70 -3.68 29.76
C GLY A 297 7.83 -3.22 28.60
N PHE A 298 8.47 -3.02 27.45
CA PHE A 298 7.75 -2.59 26.25
C PHE A 298 6.71 -3.63 25.83
N TYR A 299 7.15 -4.88 25.77
CA TYR A 299 6.26 -5.97 25.33
C TYR A 299 4.99 -6.13 26.17
N SER A 300 5.05 -5.87 27.46
CA SER A 300 3.84 -6.01 28.27
C SER A 300 3.05 -4.71 28.32
N ASP A 301 3.73 -3.57 28.23
CA ASP A 301 3.05 -2.28 28.26
C ASP A 301 2.15 -2.04 27.05
N PHE A 302 2.62 -2.43 25.87
CA PHE A 302 1.85 -2.21 24.65
C PHE A 302 0.40 -2.69 24.71
N PRO A 303 0.16 -3.99 24.98
CA PRO A 303 -1.21 -4.48 25.02
C PRO A 303 -2.01 -4.07 26.27
N SER A 304 -1.35 -3.57 27.30
CA SER A 304 -2.06 -3.21 28.52
C SER A 304 -2.20 -1.71 28.75
N ASN A 305 -1.60 -0.90 27.88
CA ASN A 305 -1.64 0.54 28.06
C ASN A 305 -1.94 1.29 26.77
N PRO A 306 -3.17 1.77 26.61
CA PRO A 306 -3.52 2.51 25.40
C PRO A 306 -2.70 3.78 25.20
N ALA A 307 -2.05 4.24 26.27
CA ALA A 307 -1.23 5.44 26.19
C ALA A 307 0.22 5.10 25.79
N ASN A 308 0.49 3.82 25.56
CA ASN A 308 1.82 3.40 25.14
C ASN A 308 2.14 4.24 23.90
N PRO A 309 3.34 4.85 23.84
CA PRO A 309 3.73 5.68 22.69
C PRO A 309 3.58 5.05 21.31
N PHE A 310 4.01 3.82 21.17
CA PHE A 310 3.89 3.13 19.88
C PHE A 310 2.42 2.90 19.58
N ARG A 311 1.67 2.46 20.59
CA ARG A 311 0.25 2.20 20.44
C ARG A 311 -0.51 3.48 20.04
N GLN A 312 -0.13 4.60 20.62
CA GLN A 312 -0.76 5.88 20.29
C GLN A 312 -0.48 6.25 18.84
N ASP A 313 0.76 6.02 18.40
CA ASP A 313 1.14 6.32 17.04
C ASP A 313 0.34 5.43 16.06
N LEU A 314 0.05 4.20 16.49
CA LEU A 314 -0.73 3.31 15.63
C LEU A 314 -2.17 3.82 15.58
N ALA A 315 -2.71 4.18 16.75
CA ALA A 315 -4.08 4.67 16.82
C ALA A 315 -4.22 5.91 15.96
N ARG A 316 -3.20 6.76 15.95
CA ARG A 316 -3.24 7.98 15.14
C ARG A 316 -3.36 7.65 13.67
N ASN A 317 -2.99 6.43 13.30
CA ASN A 317 -3.07 6.04 11.91
C ASN A 317 -4.14 5.00 11.60
N ASN A 318 -5.15 4.93 12.47
CA ASN A 318 -6.29 4.06 12.25
C ASN A 318 -7.10 4.76 11.17
N LEU A 319 -7.86 3.99 10.38
CA LEU A 319 -8.69 4.55 9.33
C LEU A 319 -10.12 4.09 9.60
N LEU A 320 -10.61 4.37 10.81
CA LEU A 320 -11.94 3.94 11.22
C LEU A 320 -13.01 5.00 11.49
N GLU A 321 -12.61 6.12 12.06
CA GLU A 321 -13.57 7.16 12.41
C GLU A 321 -13.94 8.16 11.35
N TRP A 322 -14.64 7.69 10.32
CA TRP A 322 -15.10 8.56 9.24
C TRP A 322 -16.22 7.86 8.49
N ALA A 323 -16.85 8.58 7.57
CA ALA A 323 -17.95 8.01 6.79
C ALA A 323 -17.62 8.08 5.32
N PRO A 324 -17.15 6.96 4.74
CA PRO A 324 -16.81 6.96 3.31
C PRO A 324 -18.00 7.28 2.41
N GLN A 325 -17.78 8.17 1.45
CA GLN A 325 -18.83 8.59 0.52
C GLN A 325 -18.72 7.84 -0.81
N THR A 326 -17.51 7.42 -1.15
CA THR A 326 -17.26 6.71 -2.40
C THR A 326 -17.59 5.21 -2.31
N PRO A 327 -18.17 4.65 -3.38
CA PRO A 327 -18.51 3.22 -3.37
C PRO A 327 -17.18 2.50 -3.09
N THR A 328 -17.13 1.73 -2.00
CA THR A 328 -15.90 1.05 -1.64
C THR A 328 -16.01 -0.46 -1.56
N LEU A 329 -14.98 -1.14 -2.04
CA LEU A 329 -14.95 -2.60 -1.98
C LEU A 329 -13.67 -3.06 -1.30
N LEU A 330 -13.80 -3.45 -0.05
CA LEU A 330 -12.67 -3.95 0.72
C LEU A 330 -12.47 -5.42 0.34
N CYS A 331 -11.28 -5.77 -0.15
CA CYS A 331 -11.02 -7.14 -0.54
C CYS A 331 -9.91 -7.79 0.28
N GLY A 332 -10.02 -9.10 0.47
CA GLY A 332 -9.03 -9.83 1.24
C GLY A 332 -9.37 -11.29 1.29
N SER A 333 -8.76 -12.02 2.22
CA SER A 333 -9.00 -13.45 2.37
C SER A 333 -9.10 -13.85 3.83
N SER A 334 -10.02 -14.77 4.13
CA SER A 334 -10.18 -15.27 5.50
C SER A 334 -9.04 -16.19 5.89
N ASN A 335 -8.20 -16.55 4.92
CA ASN A 335 -7.03 -17.41 5.18
C ASN A 335 -5.83 -16.57 5.62
N ASP A 336 -5.90 -15.27 5.33
CA ASP A 336 -4.81 -14.32 5.64
C ASP A 336 -4.54 -14.14 7.13
N ALA A 337 -3.36 -14.56 7.58
CA ALA A 337 -3.01 -14.44 9.00
C ALA A 337 -2.04 -13.28 9.25
N THR A 338 -1.60 -12.63 8.18
CA THR A 338 -0.68 -11.48 8.29
C THR A 338 -1.53 -10.23 8.55
N VAL A 339 -2.53 -10.02 7.71
CA VAL A 339 -3.46 -8.90 7.86
C VAL A 339 -4.87 -9.47 7.85
N PRO A 340 -5.38 -9.86 9.03
CA PRO A 340 -6.72 -10.44 9.16
C PRO A 340 -7.81 -9.66 8.43
N LEU A 341 -8.70 -10.41 7.79
CA LEU A 341 -9.80 -9.81 7.05
C LEU A 341 -10.72 -9.14 8.05
N LYS A 342 -10.49 -9.43 9.33
CA LYS A 342 -11.26 -8.83 10.40
C LYS A 342 -11.16 -7.31 10.27
N ASN A 343 -10.01 -6.85 9.75
CA ASN A 343 -9.79 -5.41 9.54
C ASN A 343 -10.94 -4.81 8.76
N ALA A 344 -11.32 -5.49 7.69
CA ALA A 344 -12.40 -5.04 6.82
C ALA A 344 -13.73 -4.98 7.58
N GLN A 345 -14.00 -6.01 8.38
CA GLN A 345 -15.22 -6.09 9.16
C GLN A 345 -15.29 -4.96 10.18
N THR A 346 -14.20 -4.77 10.91
CA THR A 346 -14.14 -3.71 11.91
C THR A 346 -14.36 -2.36 11.23
N ALA A 347 -13.69 -2.14 10.12
CA ALA A 347 -13.84 -0.89 9.38
C ALA A 347 -15.30 -0.66 8.99
N ILE A 348 -15.89 -1.64 8.30
CA ILE A 348 -17.28 -1.53 7.88
C ILE A 348 -18.24 -1.27 9.03
N ALA A 349 -18.00 -1.90 10.18
CA ALA A 349 -18.87 -1.69 11.33
C ALA A 349 -18.87 -0.24 11.79
N SER A 350 -17.69 0.39 11.87
CA SER A 350 -17.64 1.78 12.30
C SER A 350 -18.16 2.74 11.22
N PHE A 351 -17.96 2.38 9.95
CA PHE A 351 -18.44 3.20 8.85
C PHE A 351 -19.97 3.29 8.90
N GLN A 352 -20.61 2.15 9.03
CA GLN A 352 -22.08 2.09 9.09
C GLN A 352 -22.55 2.84 10.33
N GLN A 353 -21.90 2.53 11.46
CA GLN A 353 -22.21 3.18 12.72
C GLN A 353 -22.05 4.70 12.57
N ARG A 354 -21.43 5.11 11.46
CA ARG A 354 -21.21 6.52 11.20
C ARG A 354 -22.11 7.04 10.08
N GLY A 355 -23.04 6.20 9.63
CA GLY A 355 -23.97 6.61 8.60
C GLY A 355 -23.64 6.26 7.15
N SER A 356 -22.56 5.51 6.94
CA SER A 356 -22.20 5.14 5.58
C SER A 356 -22.43 3.68 5.26
N ASN A 357 -23.13 3.42 4.17
CA ASN A 357 -23.38 2.06 3.72
C ASN A 357 -22.73 1.89 2.35
N GLN A 358 -21.72 2.71 2.08
CA GLN A 358 -21.01 2.68 0.80
C GLN A 358 -19.92 1.63 0.70
N VAL A 359 -19.56 1.04 1.84
CA VAL A 359 -18.48 0.06 1.85
C VAL A 359 -18.92 -1.40 1.95
N ALA A 360 -18.46 -2.21 1.00
CA ALA A 360 -18.79 -3.63 1.00
C ALA A 360 -17.50 -4.42 1.21
N LEU A 361 -17.66 -5.72 1.42
CA LEU A 361 -16.53 -6.61 1.64
C LEU A 361 -16.63 -7.84 0.74
N VAL A 362 -15.49 -8.32 0.25
CA VAL A 362 -15.46 -9.51 -0.58
C VAL A 362 -14.29 -10.39 -0.13
N ASP A 363 -14.59 -11.68 0.05
CA ASP A 363 -13.62 -12.67 0.54
C ASP A 363 -13.17 -13.62 -0.58
N THR A 364 -11.86 -13.73 -0.78
CA THR A 364 -11.33 -14.61 -1.81
C THR A 364 -10.71 -15.86 -1.21
N GLY A 365 -10.97 -16.11 0.07
CA GLY A 365 -10.41 -17.28 0.74
C GLY A 365 -11.03 -18.60 0.30
N THR A 366 -10.37 -19.69 0.64
CA THR A 366 -10.84 -21.03 0.30
C THR A 366 -12.05 -21.43 1.14
N GLY A 367 -12.09 -20.95 2.38
CA GLY A 367 -13.17 -21.30 3.26
C GLY A 367 -12.72 -22.39 4.22
N ASN A 368 -11.61 -23.03 3.88
CA ASN A 368 -11.05 -24.09 4.71
C ASN A 368 -9.99 -23.52 5.65
N ALA A 369 -10.28 -23.51 6.94
CA ALA A 369 -9.34 -22.99 7.94
C ALA A 369 -8.01 -23.71 7.77
N SER A 370 -8.01 -24.79 7.00
CA SER A 370 -6.79 -25.56 6.75
C SER A 370 -5.87 -24.79 5.82
N ASP A 371 -6.39 -23.77 5.16
CA ASP A 371 -5.59 -22.97 4.25
C ASP A 371 -5.10 -21.70 4.94
N ASN A 372 -5.50 -21.52 6.19
CA ASN A 372 -5.09 -20.35 6.97
C ASN A 372 -3.57 -20.32 7.09
N SER A 373 -2.98 -19.16 6.80
CA SER A 373 -1.54 -19.00 6.86
C SER A 373 -1.12 -17.55 6.64
N ALA A 374 0.03 -17.18 7.17
CA ALA A 374 0.54 -15.83 6.99
C ALA A 374 0.87 -15.67 5.50
N PHE A 375 1.21 -16.79 4.88
CA PHE A 375 1.57 -16.81 3.46
C PHE A 375 0.41 -16.58 2.50
N ALA A 376 -0.82 -16.74 2.97
CA ALA A 376 -1.98 -16.52 2.12
C ALA A 376 -2.11 -15.03 1.76
N HIS A 377 -1.40 -14.19 2.51
CA HIS A 377 -1.42 -12.74 2.29
C HIS A 377 -0.95 -12.38 0.87
N MET A 378 0.17 -12.95 0.44
CA MET A 378 0.71 -12.64 -0.88
C MET A 378 -0.20 -13.11 -2.03
N LEU A 379 -1.12 -14.02 -1.74
CA LEU A 379 -2.03 -14.52 -2.76
C LEU A 379 -3.20 -13.59 -3.05
N THR A 380 -3.54 -12.72 -2.09
CA THR A 380 -4.66 -11.81 -2.27
C THR A 380 -4.37 -10.65 -3.22
N LYS A 381 -3.09 -10.35 -3.43
CA LYS A 381 -2.71 -9.26 -4.31
C LYS A 381 -3.39 -9.39 -5.68
N GLU A 382 -2.97 -10.39 -6.47
CA GLU A 382 -3.54 -10.59 -7.80
C GLU A 382 -4.99 -11.07 -7.77
N SER A 383 -5.31 -11.98 -6.85
CA SER A 383 -6.68 -12.48 -6.75
C SER A 383 -7.67 -11.32 -6.53
N CYS A 384 -7.32 -10.43 -5.61
CA CYS A 384 -8.18 -9.30 -5.30
C CYS A 384 -8.17 -8.21 -6.39
N ILE A 385 -7.06 -8.06 -7.10
CA ILE A 385 -7.02 -7.05 -8.16
C ILE A 385 -8.05 -7.43 -9.21
N VAL A 386 -8.10 -8.70 -9.57
CA VAL A 386 -9.05 -9.21 -10.56
C VAL A 386 -10.49 -9.06 -10.09
N VAL A 387 -10.77 -9.52 -8.87
CA VAL A 387 -12.10 -9.45 -8.30
C VAL A 387 -12.59 -8.01 -8.17
N VAL A 388 -11.75 -7.17 -7.58
CA VAL A 388 -12.07 -5.77 -7.38
C VAL A 388 -12.30 -5.04 -8.70
N ARG A 389 -11.51 -5.37 -9.71
CA ARG A 389 -11.64 -4.77 -11.03
C ARG A 389 -13.01 -5.13 -11.61
N ASP A 390 -13.33 -6.43 -11.60
CA ASP A 390 -14.59 -6.94 -12.13
C ASP A 390 -15.84 -6.49 -11.38
N GLN A 391 -15.80 -6.56 -10.06
CA GLN A 391 -16.97 -6.20 -9.25
C GLN A 391 -17.21 -4.72 -8.98
N LEU A 392 -16.17 -3.89 -9.01
CA LEU A 392 -16.36 -2.48 -8.73
C LEU A 392 -15.78 -1.50 -9.75
N LEU A 393 -14.47 -1.55 -9.96
CA LEU A 393 -13.81 -0.64 -10.89
C LEU A 393 -14.48 -0.61 -12.27
N ASP A 394 -14.64 -1.78 -12.88
CA ASP A 394 -15.26 -1.88 -14.19
C ASP A 394 -16.63 -1.21 -14.18
N LYS A 395 -17.37 -1.42 -13.09
CA LYS A 395 -18.71 -0.87 -12.95
C LYS A 395 -18.74 0.66 -12.87
N GLN A 396 -17.70 1.24 -12.28
CA GLN A 396 -17.64 2.69 -12.08
C GLN A 396 -16.93 3.55 -13.14
N ARG A 397 -16.24 2.92 -14.08
CA ARG A 397 -15.54 3.70 -15.08
C ARG A 397 -16.48 4.33 -16.09
C1 BOG B . 2.93 -9.42 15.24
O1 BOG B . 2.56 -9.43 13.86
C2 BOG B . 3.71 -10.68 15.59
O2 BOG B . 2.93 -11.85 15.31
C3 BOG B . 4.09 -10.65 17.07
O3 BOG B . 4.94 -11.77 17.36
C4 BOG B . 4.83 -9.35 17.39
O4 BOG B . 4.99 -9.25 18.81
C5 BOG B . 4.04 -8.14 16.89
O5 BOG B . 3.75 -8.27 15.49
C6 BOG B . 4.89 -6.88 17.08
O6 BOG B . 6.07 -6.99 16.29
C1' BOG B . 1.84 -8.22 13.53
C2' BOG B . 1.82 -8.07 12.01
C3' BOG B . 1.12 -6.78 11.57
C4' BOG B . 1.26 -6.61 10.07
C5' BOG B . 0.63 -5.30 9.57
C6' BOG B . 0.90 -5.12 8.08
C7' BOG B . 0.36 -3.79 7.56
C8' BOG B . 0.72 -3.59 6.09
C1 BOG C . 7.42 -13.79 -1.31
O1 BOG C . 8.42 -14.17 -0.36
C2 BOG C . 8.09 -13.13 -2.51
O2 BOG C . 8.78 -11.95 -2.11
C3 BOG C . 7.04 -12.78 -3.57
O3 BOG C . 7.69 -12.28 -4.74
C4 BOG C . 6.25 -14.04 -3.93
O4 BOG C . 5.18 -13.68 -4.81
C5 BOG C . 5.68 -14.69 -2.67
O5 BOG C . 6.72 -14.98 -1.74
C6 BOG C . 4.98 -15.99 -3.07
O6 BOG C . 4.48 -16.64 -1.90
C1' BOG C . 7.84 -14.33 0.94
C2' BOG C . 8.19 -13.11 1.80
C3' BOG C . 7.64 -13.25 3.22
C4' BOG C . 8.12 -12.09 4.11
C5' BOG C . 7.57 -10.74 3.65
C6' BOG C . 6.05 -10.67 3.81
C7' BOG C . 5.53 -9.29 3.41
C8' BOG C . 4.01 -9.19 3.62
#